data_1INX
#
_entry.id   1INX
#
_cell.length_a   120.420
_cell.length_b   139.830
_cell.length_c   140.070
_cell.angle_alpha   90.00
_cell.angle_beta   90.00
_cell.angle_gamma   90.00
#
_symmetry.space_group_name_H-M   'C 2 2 21'
#
loop_
_entity.id
_entity.type
_entity.pdbx_description
1 polymer 'INFLUENZA A SUBTYPE N2 NEURAMINIDASE'
2 branched alpha-D-mannopyranose-(1-3)-[alpha-D-mannopyranose-(1-6)]beta-D-mannopyranose-(1-4)-2-acetamido-2-deoxy-beta-D-glucopyranose-(1-4)-2-acetamido-2-deoxy-beta-D-glucopyranose
3 non-polymer 2-acetamido-2-deoxy-beta-D-glucopyranose
4 non-polymer 'CALCIUM ION'
5 non-polymer (1R)-4-acetamido-1,5-anhydro-2,4-dideoxy-1-phosphono-D-glycero-D-galacto-octitol
6 water water
#
_entity_poly.entity_id   1
_entity_poly.type   'polypeptide(L)'
_entity_poly.pdbx_seq_one_letter_code
;VEYRNWSKPQCQITGFAPFSKDNSIRLSAGGDIWVTREPYVSCDPVKCYQFALGQGTTLDNKHSNDTVHDRIPHRTLLMN
ELGVPFHLGTRQVCIAWSSSSCHDGKAWLHVCITGDDKNATASFIYDGRLVDSIGSWSQNILRTQESECVCINGTCTVVM
TDGSASGRADTRILFIEEGKIVHISPLAGSAQHVEECSCYPRYPGVRCICRDNWKGSNRPVVDINMEDYSIDSSYVCSGL
VGDTPRNDDRSSNSNCRDPNNERGTQGVKGWAFDNGNDLWMGRTISKDLRSGYETFKVIGGWSTPNSKSQINRQVIVDSD
NRSGYSGIFSVEGKSCINRCFYVELIRGRKQETRVWWTSNSIVVFCGTSGTYGTGSWPDGANINFMPI
;
_entity_poly.pdbx_strand_id   A
#
loop_
_chem_comp.id
_chem_comp.type
_chem_comp.name
_chem_comp.formula
BMA D-saccharide, beta linking beta-D-mannopyranose 'C6 H12 O6'
CA non-polymer 'CALCIUM ION' 'Ca 2'
EQP D-saccharide (1R)-4-acetamido-1,5-anhydro-2,4-dideoxy-1-phosphono-D-glycero-D-galacto-octitol 'C10 H20 N O9 P'
MAN D-saccharide, alpha linking alpha-D-mannopyranose 'C6 H12 O6'
NAG D-saccharide, beta linking 2-acetamido-2-deoxy-beta-D-glucopyranose 'C8 H15 N O6'
#
# COMPACT_ATOMS: atom_id res chain seq x y z
N VAL A 1 -5.95 -28.43 4.75
CA VAL A 1 -5.33 -27.10 5.03
C VAL A 1 -6.10 -26.37 6.11
N GLU A 2 -5.37 -25.68 6.99
CA GLU A 2 -5.99 -24.92 8.08
C GLU A 2 -5.78 -23.42 7.85
N TYR A 3 -6.44 -22.62 8.67
CA TYR A 3 -6.38 -21.18 8.56
C TYR A 3 -5.10 -20.60 9.14
N ARG A 4 -4.67 -19.49 8.55
CA ARG A 4 -3.50 -18.76 9.02
C ARG A 4 -3.88 -18.04 10.31
N ASN A 5 -3.00 -18.06 11.30
CA ASN A 5 -3.28 -17.33 12.54
C ASN A 5 -2.12 -16.35 12.86
N TRP A 6 -1.08 -16.37 12.04
CA TRP A 6 0.10 -15.51 12.18
C TRP A 6 0.66 -15.38 13.60
N SER A 7 0.57 -16.43 14.40
CA SER A 7 1.06 -16.36 15.76
C SER A 7 2.49 -16.83 15.86
N LYS A 8 3.40 -15.98 15.44
CA LYS A 8 4.83 -16.26 15.50
C LYS A 8 5.39 -14.91 15.76
N PRO A 9 6.50 -14.85 16.51
CA PRO A 9 7.10 -13.55 16.78
C PRO A 9 7.58 -12.88 15.49
N GLN A 10 7.70 -11.57 15.52
CA GLN A 10 8.19 -10.83 14.37
C GLN A 10 9.70 -11.07 14.31
N CYS A 11 10.22 -11.31 13.12
CA CYS A 11 11.64 -11.55 12.99
C CYS A 11 12.43 -10.29 13.36
N GLN A 12 13.64 -10.46 13.86
CA GLN A 12 14.46 -9.30 14.18
C GLN A 12 15.08 -8.93 12.86
N ILE A 13 15.06 -7.66 12.49
CA ILE A 13 15.66 -7.32 11.21
C ILE A 13 16.76 -6.28 11.36
N THR A 14 17.71 -6.35 10.44
CA THR A 14 18.88 -5.50 10.36
C THR A 14 18.65 -4.42 9.33
N GLY A 15 17.69 -4.66 8.45
CA GLY A 15 17.38 -3.76 7.38
C GLY A 15 16.70 -4.62 6.34
N PHE A 16 16.76 -4.22 5.08
CA PHE A 16 16.08 -4.98 4.02
C PHE A 16 17.05 -5.36 2.92
N ALA A 17 16.75 -6.47 2.26
CA ALA A 17 17.58 -6.98 1.16
C ALA A 17 16.75 -7.04 -0.14
N PRO A 18 17.39 -6.87 -1.30
CA PRO A 18 16.74 -6.91 -2.62
C PRO A 18 15.95 -8.22 -2.82
N PHE A 19 14.73 -8.12 -3.32
CA PHE A 19 13.90 -9.31 -3.51
C PHE A 19 13.36 -9.54 -4.92
N SER A 20 12.76 -8.52 -5.54
CA SER A 20 12.17 -8.66 -6.86
C SER A 20 12.06 -7.31 -7.55
N LYS A 21 11.91 -7.34 -8.87
CA LYS A 21 11.80 -6.13 -9.69
C LYS A 21 11.19 -6.62 -11.02
N ASP A 22 10.24 -5.89 -11.60
CA ASP A 22 9.65 -6.41 -12.84
C ASP A 22 10.02 -5.75 -14.14
N ASN A 23 10.65 -4.58 -14.08
CA ASN A 23 11.10 -3.85 -15.27
C ASN A 23 10.04 -3.65 -16.34
N SER A 24 8.78 -3.50 -15.93
CA SER A 24 7.72 -3.38 -16.91
C SER A 24 7.80 -2.22 -17.88
N ILE A 25 8.21 -1.03 -17.44
CA ILE A 25 8.29 0.09 -18.38
C ILE A 25 9.36 -0.17 -19.43
N ARG A 26 10.56 -0.55 -19.03
CA ARG A 26 11.63 -0.88 -19.98
C ARG A 26 11.14 -1.89 -21.02
N LEU A 27 10.42 -2.92 -20.57
CA LEU A 27 9.84 -3.95 -21.42
C LEU A 27 8.70 -3.43 -22.31
N SER A 28 7.96 -2.42 -21.84
CA SER A 28 6.83 -1.82 -22.59
C SER A 28 7.21 -1.20 -23.92
N ALA A 29 8.49 -0.92 -24.11
CA ALA A 29 8.95 -0.32 -25.34
C ALA A 29 9.26 -1.39 -26.37
N GLY A 30 9.09 -2.65 -26.00
CA GLY A 30 9.35 -3.72 -26.94
C GLY A 30 8.60 -4.94 -26.51
N GLY A 31 7.27 -4.80 -26.38
CA GLY A 31 6.42 -5.89 -25.94
C GLY A 31 5.05 -5.36 -25.52
N ASP A 32 4.07 -6.23 -25.35
CA ASP A 32 2.73 -5.81 -24.99
C ASP A 32 2.51 -5.98 -23.50
N ILE A 33 2.75 -4.89 -22.77
CA ILE A 33 2.62 -4.88 -21.32
C ILE A 33 1.49 -3.92 -20.93
N TRP A 34 0.73 -4.31 -19.92
CA TRP A 34 -0.38 -3.52 -19.38
C TRP A 34 0.05 -2.19 -18.78
N VAL A 35 -0.86 -1.21 -18.81
CA VAL A 35 -0.63 0.10 -18.22
C VAL A 35 -1.29 -0.10 -16.86
N THR A 36 -0.58 0.22 -15.80
CA THR A 36 -1.12 0.02 -14.47
C THR A 36 -0.77 1.15 -13.50
N ARG A 37 -1.14 0.96 -12.22
CA ARG A 37 -0.87 1.89 -11.12
C ARG A 37 -1.44 1.20 -9.88
N GLU A 38 -1.08 1.70 -8.70
CA GLU A 38 -1.53 1.15 -7.42
C GLU A 38 -1.26 -0.35 -7.28
N PRO A 39 -0.01 -0.78 -7.45
CA PRO A 39 0.32 -2.19 -7.32
C PRO A 39 0.54 -2.58 -5.87
N TYR A 40 0.68 -3.86 -5.63
CA TYR A 40 0.97 -4.37 -4.30
C TYR A 40 1.34 -5.82 -4.42
N VAL A 41 1.85 -6.41 -3.34
CA VAL A 41 2.18 -7.81 -3.41
C VAL A 41 1.60 -8.49 -2.19
N SER A 42 1.27 -9.76 -2.34
CA SER A 42 0.70 -10.52 -1.25
C SER A 42 1.03 -11.97 -1.54
N CYS A 43 1.20 -12.78 -0.49
CA CYS A 43 1.52 -14.19 -0.66
C CYS A 43 0.59 -15.18 0.04
N ASP A 44 0.36 -16.31 -0.60
CA ASP A 44 -0.42 -17.35 0.03
C ASP A 44 0.67 -18.16 0.80
N PRO A 45 0.30 -19.25 1.45
CA PRO A 45 1.34 -19.99 2.17
C PRO A 45 2.48 -20.59 1.33
N VAL A 46 2.34 -20.64 0.03
CA VAL A 46 3.40 -21.21 -0.80
C VAL A 46 4.20 -20.24 -1.69
N LYS A 47 3.57 -19.20 -2.22
CA LYS A 47 4.30 -18.28 -3.08
C LYS A 47 3.70 -16.88 -3.06
N CYS A 48 4.40 -15.91 -3.66
CA CYS A 48 3.95 -14.52 -3.69
C CYS A 48 3.45 -14.08 -5.07
N TYR A 49 2.53 -13.12 -5.08
CA TYR A 49 1.96 -12.61 -6.31
C TYR A 49 2.01 -11.11 -6.35
N GLN A 50 2.09 -10.56 -7.55
CA GLN A 50 2.08 -9.12 -7.69
C GLN A 50 0.71 -8.72 -8.27
N PHE A 51 0.11 -7.70 -7.70
CA PHE A 51 -1.17 -7.20 -8.14
C PHE A 51 -1.02 -5.77 -8.64
N ALA A 52 -2.04 -5.28 -9.34
CA ALA A 52 -2.06 -3.92 -9.82
C ALA A 52 -3.38 -3.67 -10.48
N LEU A 53 -3.76 -2.40 -10.53
CA LEU A 53 -4.99 -2.00 -11.16
C LEU A 53 -4.65 -1.62 -12.59
N GLY A 54 -5.11 -2.39 -13.57
CA GLY A 54 -4.80 -2.07 -14.95
C GLY A 54 -5.65 -0.91 -15.46
N GLN A 55 -5.39 -0.44 -16.68
CA GLN A 55 -6.17 0.64 -17.27
C GLN A 55 -6.89 0.18 -18.54
N GLY A 56 -7.18 -1.13 -18.60
CA GLY A 56 -7.85 -1.72 -19.73
C GLY A 56 -7.16 -1.47 -21.05
N THR A 57 -5.83 -1.45 -21.04
CA THR A 57 -5.05 -1.21 -22.25
C THR A 57 -3.55 -1.54 -22.01
N THR A 58 -2.84 -1.82 -23.10
CA THR A 58 -1.40 -2.05 -23.05
C THR A 58 -0.80 -0.67 -23.29
N LEU A 59 0.50 -0.52 -23.11
CA LEU A 59 1.14 0.78 -23.27
C LEU A 59 1.29 1.25 -24.71
N ASP A 60 1.79 0.38 -25.57
CA ASP A 60 1.95 0.75 -26.97
C ASP A 60 0.57 0.49 -27.57
N ASN A 61 -0.37 1.36 -27.24
CA ASN A 61 -1.79 1.27 -27.64
C ASN A 61 -2.32 2.71 -27.59
N LYS A 62 -3.04 3.18 -28.62
CA LYS A 62 -3.59 4.55 -28.59
C LYS A 62 -4.47 4.77 -27.37
N HIS A 63 -5.01 3.69 -26.83
CA HIS A 63 -5.87 3.77 -25.65
C HIS A 63 -5.11 4.13 -24.38
N SER A 64 -3.78 4.17 -24.43
CA SER A 64 -3.02 4.52 -23.24
C SER A 64 -3.04 6.03 -23.00
N ASN A 65 -3.48 6.79 -24.00
CA ASN A 65 -3.54 8.23 -23.91
C ASN A 65 -4.38 8.71 -22.76
N ASP A 66 -3.86 9.67 -22.01
CA ASP A 66 -4.60 10.24 -20.92
C ASP A 66 -4.98 9.26 -19.81
N THR A 67 -4.12 8.27 -19.59
CA THR A 67 -4.37 7.30 -18.54
C THR A 67 -3.97 7.86 -17.17
N VAL A 68 -3.98 9.19 -17.02
CA VAL A 68 -3.65 9.81 -15.74
C VAL A 68 -4.85 9.61 -14.82
N HIS A 69 -6.05 9.52 -15.41
CA HIS A 69 -7.27 9.35 -14.64
C HIS A 69 -7.30 8.05 -13.84
N ASP A 70 -7.76 8.18 -12.60
CA ASP A 70 -7.82 7.08 -11.65
C ASP A 70 -9.00 6.15 -11.68
N ARG A 71 -10.15 6.64 -12.10
CA ARG A 71 -11.32 5.80 -12.08
C ARG A 71 -12.12 5.76 -13.37
N ILE A 72 -11.97 4.66 -14.10
CA ILE A 72 -12.69 4.42 -15.36
C ILE A 72 -13.26 3.00 -15.25
N PRO A 73 -14.39 2.73 -15.91
CA PRO A 73 -14.96 1.38 -15.80
C PRO A 73 -14.12 0.23 -16.34
N HIS A 74 -13.04 0.56 -17.03
CA HIS A 74 -12.18 -0.46 -17.62
C HIS A 74 -11.02 -0.93 -16.74
N ARG A 75 -10.89 -0.37 -15.54
CA ARG A 75 -9.83 -0.75 -14.61
C ARG A 75 -10.23 -2.12 -14.06
N THR A 76 -9.28 -3.05 -14.01
CA THR A 76 -9.52 -4.39 -13.46
C THR A 76 -8.30 -4.73 -12.59
N LEU A 77 -8.46 -5.62 -11.62
CA LEU A 77 -7.33 -6.02 -10.77
C LEU A 77 -6.56 -7.15 -11.46
N LEU A 78 -5.26 -6.92 -11.70
CA LEU A 78 -4.38 -7.90 -12.32
C LEU A 78 -3.66 -8.68 -11.25
N MET A 79 -3.38 -9.95 -11.52
CA MET A 79 -2.67 -10.79 -10.57
C MET A 79 -1.77 -11.78 -11.29
N ASN A 80 -0.48 -11.73 -10.99
CA ASN A 80 0.53 -12.62 -11.58
C ASN A 80 1.46 -13.08 -10.48
N GLU A 81 2.17 -14.16 -10.72
CA GLU A 81 3.13 -14.62 -9.73
C GLU A 81 4.18 -13.52 -9.65
N LEU A 82 4.73 -13.27 -8.47
CA LEU A 82 5.73 -12.21 -8.30
C LEU A 82 6.88 -12.42 -9.25
N GLY A 83 7.18 -11.40 -10.04
CA GLY A 83 8.29 -11.52 -10.96
C GLY A 83 7.90 -11.60 -12.40
N VAL A 84 6.69 -12.09 -12.70
CA VAL A 84 6.29 -12.14 -14.09
C VAL A 84 5.51 -10.86 -14.40
N PRO A 85 6.03 -10.06 -15.32
CA PRO A 85 5.42 -8.79 -15.71
C PRO A 85 3.99 -8.94 -16.28
N PHE A 86 3.23 -7.85 -16.26
CA PHE A 86 1.84 -7.89 -16.74
C PHE A 86 1.68 -7.88 -18.25
N HIS A 87 1.88 -9.06 -18.84
CA HIS A 87 1.72 -9.29 -20.27
C HIS A 87 0.25 -9.71 -20.59
N LEU A 88 -0.04 -9.98 -21.86
CA LEU A 88 -1.39 -10.32 -22.28
C LEU A 88 -2.03 -11.58 -21.71
N GLY A 89 -1.24 -12.47 -21.14
CA GLY A 89 -1.81 -13.67 -20.55
C GLY A 89 -2.22 -13.51 -19.09
N THR A 90 -2.06 -12.31 -18.55
CA THR A 90 -2.39 -11.98 -17.16
C THR A 90 -3.89 -12.09 -16.88
N ARG A 91 -4.24 -12.59 -15.69
CA ARG A 91 -5.63 -12.70 -15.34
C ARG A 91 -6.22 -11.47 -14.66
N GLN A 92 -7.31 -10.94 -15.20
CA GLN A 92 -8.02 -9.80 -14.62
C GLN A 92 -8.99 -10.47 -13.63
N VAL A 93 -8.67 -10.37 -12.35
CA VAL A 93 -9.42 -11.03 -11.31
C VAL A 93 -10.82 -10.49 -11.05
N CYS A 94 -11.02 -9.21 -11.32
CA CYS A 94 -12.31 -8.58 -11.06
C CYS A 94 -12.25 -7.16 -11.56
N ILE A 95 -13.40 -6.49 -11.58
CA ILE A 95 -13.48 -5.08 -12.03
C ILE A 95 -13.19 -4.18 -10.80
N ALA A 96 -12.16 -3.35 -10.85
CA ALA A 96 -11.81 -2.55 -9.68
C ALA A 96 -10.97 -1.32 -9.94
N TRP A 97 -11.38 -0.16 -9.41
CA TRP A 97 -10.55 1.04 -9.54
C TRP A 97 -9.91 1.33 -8.20
N SER A 98 -10.15 0.44 -7.24
CA SER A 98 -9.59 0.49 -5.90
C SER A 98 -9.71 -0.96 -5.38
N SER A 99 -8.70 -1.52 -4.73
CA SER A 99 -8.78 -2.92 -4.27
C SER A 99 -7.95 -3.33 -3.03
N SER A 100 -8.07 -4.61 -2.68
CA SER A 100 -7.35 -5.22 -1.57
C SER A 100 -7.55 -6.73 -1.63
N SER A 101 -6.48 -7.49 -1.47
CA SER A 101 -6.55 -8.95 -1.49
C SER A 101 -5.68 -9.53 -0.39
N CYS A 102 -6.03 -10.71 0.09
CA CYS A 102 -5.27 -11.41 1.13
C CYS A 102 -5.75 -12.84 1.10
N HIS A 103 -4.90 -13.74 1.58
CA HIS A 103 -5.23 -15.16 1.59
C HIS A 103 -5.38 -15.61 3.05
N ASP A 104 -6.46 -16.32 3.38
CA ASP A 104 -6.64 -16.76 4.77
C ASP A 104 -6.01 -18.10 5.12
N GLY A 105 -5.28 -18.67 4.16
CA GLY A 105 -4.66 -19.95 4.37
C GLY A 105 -5.39 -21.05 3.62
N LYS A 106 -6.62 -20.77 3.21
CA LYS A 106 -7.45 -21.71 2.47
C LYS A 106 -7.84 -21.17 1.07
N ALA A 107 -8.01 -19.85 0.91
CA ALA A 107 -8.39 -19.27 -0.38
C ALA A 107 -8.19 -17.77 -0.41
N TRP A 108 -8.23 -17.19 -1.61
CA TRP A 108 -8.04 -15.75 -1.78
C TRP A 108 -9.32 -14.95 -1.58
N LEU A 109 -9.18 -13.74 -1.07
CA LEU A 109 -10.26 -12.81 -0.84
C LEU A 109 -9.84 -11.56 -1.60
N HIS A 110 -10.71 -11.04 -2.46
CA HIS A 110 -10.42 -9.85 -3.23
C HIS A 110 -11.58 -8.90 -2.96
N VAL A 111 -11.30 -7.65 -2.60
CA VAL A 111 -12.37 -6.69 -2.41
C VAL A 111 -12.11 -5.70 -3.52
N CYS A 112 -13.04 -5.68 -4.47
CA CYS A 112 -12.97 -4.88 -5.67
C CYS A 112 -14.06 -3.82 -5.70
N ILE A 113 -13.69 -2.58 -5.99
CA ILE A 113 -14.62 -1.46 -6.01
C ILE A 113 -14.68 -0.76 -7.36
N THR A 114 -15.87 -0.69 -7.96
CA THR A 114 -16.07 0.03 -9.24
C THR A 114 -17.38 0.80 -9.14
N GLY A 115 -17.70 1.52 -10.21
CA GLY A 115 -18.94 2.26 -10.28
C GLY A 115 -18.77 3.75 -10.29
N ASP A 116 -19.90 4.44 -10.20
CA ASP A 116 -19.91 5.88 -10.17
C ASP A 116 -19.27 6.30 -8.85
N ASP A 117 -18.67 7.48 -8.83
CA ASP A 117 -18.05 8.00 -7.65
C ASP A 117 -19.07 8.17 -6.52
N LYS A 118 -20.24 8.70 -6.86
CA LYS A 118 -21.26 8.93 -5.86
C LYS A 118 -22.04 7.68 -5.47
N ASN A 119 -21.83 6.58 -6.17
CA ASN A 119 -22.59 5.36 -5.86
C ASN A 119 -21.82 4.08 -6.25
N ALA A 120 -20.56 4.00 -5.83
CA ALA A 120 -19.71 2.85 -6.13
C ALA A 120 -20.23 1.65 -5.38
N THR A 121 -19.73 0.47 -5.73
CA THR A 121 -20.13 -0.78 -5.05
C THR A 121 -18.88 -1.65 -4.89
N ALA A 122 -18.75 -2.30 -3.75
CA ALA A 122 -17.62 -3.17 -3.52
C ALA A 122 -18.08 -4.63 -3.52
N SER A 123 -17.44 -5.45 -4.35
CA SER A 123 -17.77 -6.88 -4.43
C SER A 123 -16.74 -7.63 -3.65
N PHE A 124 -17.18 -8.64 -2.91
CA PHE A 124 -16.28 -9.45 -2.12
C PHE A 124 -16.25 -10.81 -2.79
N ILE A 125 -15.10 -11.10 -3.40
CA ILE A 125 -14.88 -12.33 -4.11
C ILE A 125 -13.98 -13.26 -3.31
N TYR A 126 -14.54 -14.42 -2.93
CA TYR A 126 -13.81 -15.38 -2.14
C TYR A 126 -13.85 -16.74 -2.80
N ASP A 127 -12.67 -17.36 -2.88
CA ASP A 127 -12.52 -18.66 -3.49
C ASP A 127 -13.14 -18.73 -4.88
N GLY A 128 -12.96 -17.67 -5.64
CA GLY A 128 -13.46 -17.67 -6.99
C GLY A 128 -14.88 -17.25 -7.26
N ARG A 129 -15.68 -17.11 -6.21
CA ARG A 129 -17.06 -16.73 -6.43
C ARG A 129 -17.43 -15.46 -5.67
N LEU A 130 -18.42 -14.75 -6.20
CA LEU A 130 -18.87 -13.49 -5.60
C LEU A 130 -19.71 -13.89 -4.43
N VAL A 131 -19.25 -13.55 -3.23
CA VAL A 131 -19.95 -13.91 -2.00
C VAL A 131 -20.78 -12.78 -1.35
N ASP A 132 -20.40 -11.53 -1.57
CA ASP A 132 -21.12 -10.41 -0.95
C ASP A 132 -20.83 -9.11 -1.68
N SER A 133 -21.52 -8.06 -1.27
CA SER A 133 -21.29 -6.73 -1.85
C SER A 133 -21.84 -5.69 -0.90
N ILE A 134 -21.36 -4.46 -1.03
CA ILE A 134 -21.84 -3.36 -0.22
C ILE A 134 -21.80 -2.11 -1.08
N GLY A 135 -22.66 -1.14 -0.79
CA GLY A 135 -22.69 0.08 -1.57
C GLY A 135 -22.20 1.26 -0.78
N SER A 136 -21.78 2.31 -1.49
CA SER A 136 -21.27 3.56 -0.91
C SER A 136 -22.18 4.05 0.22
N TRP A 137 -21.59 4.42 1.36
CA TRP A 137 -22.39 4.91 2.48
C TRP A 137 -22.28 6.41 2.66
N SER A 138 -21.45 7.06 1.86
CA SER A 138 -21.29 8.49 1.97
C SER A 138 -21.35 9.15 0.61
N GLN A 139 -21.72 8.37 -0.41
CA GLN A 139 -21.85 8.90 -1.78
C GLN A 139 -20.66 9.70 -2.28
N ASN A 140 -19.46 9.37 -1.82
CA ASN A 140 -18.32 10.12 -2.28
C ASN A 140 -17.03 9.31 -2.36
N ILE A 141 -16.95 8.50 -3.42
CA ILE A 141 -15.83 7.64 -3.75
C ILE A 141 -15.39 6.60 -2.71
N LEU A 142 -16.15 5.51 -2.59
CA LEU A 142 -15.84 4.41 -1.68
C LEU A 142 -14.47 3.94 -2.12
N ARG A 143 -13.54 3.80 -1.18
CA ARG A 143 -12.19 3.39 -1.55
C ARG A 143 -11.57 2.52 -0.45
N THR A 144 -10.55 1.74 -0.79
CA THR A 144 -9.88 0.89 0.19
C THR A 144 -8.33 0.99 0.18
N GLN A 145 -7.68 -0.01 0.76
CA GLN A 145 -6.24 -0.06 0.97
C GLN A 145 -5.21 0.06 -0.13
N GLU A 146 -5.44 -0.58 -1.28
CA GLU A 146 -4.47 -0.59 -2.37
C GLU A 146 -3.23 -1.39 -1.96
N SER A 147 -3.42 -2.35 -1.04
CA SER A 147 -2.39 -3.26 -0.56
C SER A 147 -3.09 -4.43 0.14
N GLU A 148 -2.36 -5.37 0.72
CA GLU A 148 -3.01 -6.53 1.31
C GLU A 148 -3.81 -6.39 2.60
N CYS A 149 -4.87 -7.18 2.71
CA CYS A 149 -5.71 -7.21 3.89
C CYS A 149 -5.11 -8.33 4.78
N VAL A 150 -5.61 -8.53 6.00
CA VAL A 150 -5.06 -9.61 6.81
C VAL A 150 -6.10 -10.44 7.53
N CYS A 151 -5.84 -11.75 7.54
CA CYS A 151 -6.76 -12.69 8.14
C CYS A 151 -6.12 -13.45 9.28
N ILE A 152 -6.87 -13.60 10.35
CA ILE A 152 -6.43 -14.35 11.51
C ILE A 152 -7.55 -15.32 11.87
N ASN A 153 -7.25 -16.60 11.89
CA ASN A 153 -8.23 -17.63 12.24
C ASN A 153 -9.45 -17.70 11.34
N GLY A 154 -9.33 -17.25 10.10
CA GLY A 154 -10.47 -17.32 9.21
C GLY A 154 -11.25 -16.03 9.04
N THR A 155 -10.92 -14.99 9.82
CA THR A 155 -11.57 -13.67 9.72
C THR A 155 -10.57 -12.68 9.11
N CYS A 156 -10.99 -11.99 8.05
CA CYS A 156 -10.13 -11.02 7.36
C CYS A 156 -10.57 -9.58 7.58
N THR A 157 -9.62 -8.66 7.77
CA THR A 157 -10.01 -7.26 7.97
C THR A 157 -9.53 -6.41 6.84
N VAL A 158 -10.38 -5.46 6.46
CA VAL A 158 -10.03 -4.48 5.44
C VAL A 158 -10.61 -3.13 5.86
N VAL A 159 -9.82 -2.07 5.82
CA VAL A 159 -10.36 -0.77 6.18
C VAL A 159 -10.79 -0.05 4.90
N MET A 160 -11.93 0.62 4.99
CA MET A 160 -12.46 1.33 3.84
C MET A 160 -12.90 2.71 4.29
N THR A 161 -12.96 3.63 3.34
CA THR A 161 -13.39 4.97 3.67
C THR A 161 -14.22 5.52 2.52
N ASP A 162 -15.20 6.34 2.87
CA ASP A 162 -16.10 6.97 1.92
C ASP A 162 -16.27 8.39 2.45
N GLY A 163 -16.13 9.38 1.60
CA GLY A 163 -16.29 10.74 2.07
C GLY A 163 -15.26 11.68 1.47
N SER A 164 -15.09 12.84 2.08
CA SER A 164 -14.16 13.82 1.57
C SER A 164 -12.68 13.39 1.56
N ALA A 165 -11.98 13.84 0.51
CA ALA A 165 -10.55 13.57 0.32
C ALA A 165 -9.71 14.54 1.13
N SER A 166 -10.30 15.69 1.43
CA SER A 166 -9.64 16.72 2.22
C SER A 166 -10.75 17.35 3.06
N GLY A 167 -11.23 16.56 4.01
CA GLY A 167 -12.29 16.98 4.91
C GLY A 167 -12.68 15.77 5.71
N ARG A 168 -13.68 15.90 6.58
CA ARG A 168 -14.12 14.77 7.38
C ARG A 168 -14.69 13.66 6.48
N ALA A 169 -14.29 12.41 6.74
CA ALA A 169 -14.76 11.27 5.98
C ALA A 169 -15.26 10.17 6.92
N ASP A 170 -15.88 9.14 6.35
CA ASP A 170 -16.44 8.03 7.14
C ASP A 170 -15.64 6.76 6.87
N THR A 171 -14.80 6.39 7.84
CA THR A 171 -13.97 5.21 7.73
C THR A 171 -14.55 4.11 8.57
N ARG A 172 -14.60 2.90 8.01
CA ARG A 172 -15.12 1.72 8.71
C ARG A 172 -14.20 0.52 8.48
N ILE A 173 -14.25 -0.45 9.40
CA ILE A 173 -13.44 -1.66 9.34
C ILE A 173 -14.39 -2.85 9.24
N LEU A 174 -14.36 -3.53 8.10
CA LEU A 174 -15.23 -4.67 7.87
C LEU A 174 -14.49 -5.92 8.25
N PHE A 175 -15.23 -6.91 8.76
CA PHE A 175 -14.67 -8.21 9.15
C PHE A 175 -15.38 -9.20 8.28
N ILE A 176 -14.62 -10.00 7.54
CA ILE A 176 -15.23 -10.93 6.63
C ILE A 176 -14.75 -12.37 6.73
N GLU A 177 -15.71 -13.28 6.83
CA GLU A 177 -15.42 -14.69 6.92
C GLU A 177 -15.92 -15.37 5.67
N GLU A 178 -14.99 -15.99 4.94
CA GLU A 178 -15.29 -16.67 3.71
C GLU A 178 -16.05 -15.80 2.73
N GLY A 179 -15.65 -14.53 2.61
CA GLY A 179 -16.31 -13.61 1.69
C GLY A 179 -17.55 -12.89 2.18
N LYS A 180 -18.02 -13.28 3.36
CA LYS A 180 -19.21 -12.71 3.96
C LYS A 180 -18.88 -11.69 5.02
N ILE A 181 -19.48 -10.51 4.90
CA ILE A 181 -19.27 -9.44 5.86
C ILE A 181 -20.00 -9.85 7.16
N VAL A 182 -19.24 -10.21 8.18
CA VAL A 182 -19.83 -10.61 9.43
C VAL A 182 -19.92 -9.48 10.46
N HIS A 183 -19.26 -8.35 10.20
CA HIS A 183 -19.31 -7.22 11.14
C HIS A 183 -18.66 -5.99 10.55
N ILE A 184 -19.11 -4.82 10.99
CA ILE A 184 -18.55 -3.53 10.53
C ILE A 184 -18.40 -2.63 11.74
N SER A 185 -17.19 -2.11 11.96
CA SER A 185 -16.91 -1.23 13.09
C SER A 185 -16.50 0.14 12.55
N PRO A 186 -17.02 1.22 13.14
CA PRO A 186 -16.61 2.52 12.60
C PRO A 186 -15.28 2.92 13.24
N LEU A 187 -14.55 3.81 12.58
CA LEU A 187 -13.27 4.26 13.10
C LEU A 187 -13.46 4.92 14.46
N ALA A 188 -12.45 4.75 15.33
CA ALA A 188 -12.45 5.33 16.66
C ALA A 188 -11.00 5.73 16.98
N GLY A 189 -10.81 6.51 18.05
CA GLY A 189 -9.47 6.93 18.42
C GLY A 189 -9.27 8.34 17.91
N SER A 190 -8.03 8.79 17.80
CA SER A 190 -7.78 10.17 17.37
C SER A 190 -7.37 10.47 15.93
N ALA A 191 -7.38 9.49 15.04
CA ALA A 191 -6.99 9.75 13.64
C ALA A 191 -8.04 10.66 13.00
N GLN A 192 -7.61 11.66 12.22
CA GLN A 192 -8.56 12.62 11.60
C GLN A 192 -8.97 12.33 10.17
N HIS A 193 -8.13 11.59 9.45
CA HIS A 193 -8.39 11.21 8.07
C HIS A 193 -7.59 9.92 7.85
N VAL A 194 -8.26 8.89 7.36
CA VAL A 194 -7.62 7.61 7.11
C VAL A 194 -7.92 7.12 5.73
N GLU A 195 -6.84 6.89 4.99
CA GLU A 195 -6.90 6.39 3.64
C GLU A 195 -5.75 5.46 3.40
N GLU A 196 -5.90 4.59 2.41
CA GLU A 196 -4.84 3.70 1.96
C GLU A 196 -3.99 3.05 3.04
N CYS A 197 -4.63 2.32 3.94
CA CYS A 197 -3.91 1.66 5.01
C CYS A 197 -3.03 0.48 4.59
N SER A 198 -1.86 0.43 5.20
CA SER A 198 -0.90 -0.64 4.99
C SER A 198 -0.93 -1.41 6.31
N CYS A 199 -1.64 -2.53 6.31
CA CYS A 199 -1.82 -3.36 7.49
C CYS A 199 -0.92 -4.59 7.57
N TYR A 200 -0.71 -5.09 8.79
CA TYR A 200 0.11 -6.25 9.04
C TYR A 200 -0.36 -6.96 10.30
N PRO A 201 -0.21 -8.30 10.38
CA PRO A 201 -0.66 -9.00 11.57
C PRO A 201 0.29 -8.78 12.73
N ARG A 202 -0.29 -8.63 13.92
CA ARG A 202 0.44 -8.43 15.16
C ARG A 202 -0.36 -9.27 16.13
N TYR A 203 -0.34 -10.58 15.95
CA TYR A 203 -1.12 -11.46 16.80
C TYR A 203 -1.24 -10.94 18.24
N PRO A 204 -2.47 -10.85 18.78
CA PRO A 204 -3.75 -11.19 18.16
C PRO A 204 -4.50 -10.07 17.43
N GLY A 205 -3.79 -9.03 17.01
CA GLY A 205 -4.46 -7.95 16.30
C GLY A 205 -3.88 -7.67 14.92
N VAL A 206 -4.29 -6.55 14.36
CA VAL A 206 -3.84 -6.13 13.06
C VAL A 206 -3.53 -4.65 13.26
N ARG A 207 -2.39 -4.17 12.75
CA ARG A 207 -2.03 -2.78 12.90
C ARG A 207 -1.87 -2.22 11.52
N CYS A 208 -2.36 -0.99 11.32
CA CYS A 208 -2.27 -0.34 10.02
C CYS A 208 -1.68 1.06 10.15
N ILE A 209 -0.89 1.44 9.16
CA ILE A 209 -0.25 2.74 9.08
C ILE A 209 -0.83 3.28 7.76
N CYS A 210 -1.54 4.41 7.84
CA CYS A 210 -2.26 4.91 6.69
C CYS A 210 -1.88 6.28 6.13
N ARG A 211 -2.76 6.89 5.35
CA ARG A 211 -2.52 8.19 4.72
C ARG A 211 -3.52 9.23 5.22
N ASP A 212 -3.04 10.37 5.70
CA ASP A 212 -3.92 11.45 6.13
C ASP A 212 -3.76 12.46 5.02
N ASN A 213 -4.82 12.56 4.20
CA ASN A 213 -4.88 13.45 3.05
C ASN A 213 -5.45 14.84 3.39
N TRP A 214 -5.76 15.06 4.67
CA TRP A 214 -6.38 16.29 5.11
C TRP A 214 -5.48 17.23 5.92
N LYS A 215 -5.22 16.85 7.17
CA LYS A 215 -4.45 17.69 8.07
C LYS A 215 -3.10 17.20 8.54
N GLY A 216 -2.64 16.05 8.10
CA GLY A 216 -1.35 15.56 8.59
C GLY A 216 -0.32 15.09 7.59
N SER A 217 0.95 15.35 7.91
CA SER A 217 2.09 14.89 7.12
C SER A 217 2.65 13.72 7.93
N ASN A 218 2.19 13.57 9.18
CA ASN A 218 2.56 12.41 9.99
C ASN A 218 1.49 11.34 9.63
N ARG A 219 1.81 10.06 9.79
CA ARG A 219 0.87 8.99 9.42
C ARG A 219 -0.05 8.42 10.49
N PRO A 220 -1.35 8.25 10.16
CA PRO A 220 -2.25 7.71 11.16
C PRO A 220 -1.99 6.22 11.39
N VAL A 221 -2.36 5.75 12.57
CA VAL A 221 -2.22 4.38 12.96
C VAL A 221 -3.63 3.88 13.24
N VAL A 222 -3.91 2.63 12.91
CA VAL A 222 -5.22 2.06 13.19
C VAL A 222 -5.04 0.67 13.80
N ASP A 223 -5.45 0.54 15.06
CA ASP A 223 -5.38 -0.74 15.79
C ASP A 223 -6.74 -1.44 15.77
N ILE A 224 -6.73 -2.69 15.33
CA ILE A 224 -7.95 -3.47 15.17
C ILE A 224 -7.88 -4.72 16.06
N ASN A 225 -8.82 -4.82 17.00
CA ASN A 225 -8.86 -5.97 17.90
C ASN A 225 -9.71 -7.02 17.23
N MET A 226 -9.09 -8.11 16.86
CA MET A 226 -9.77 -9.18 16.18
C MET A 226 -10.78 -9.87 17.06
N GLU A 227 -10.56 -9.80 18.36
CA GLU A 227 -11.43 -10.46 19.33
C GLU A 227 -12.79 -9.80 19.58
N ASP A 228 -12.84 -8.48 19.68
CA ASP A 228 -14.12 -7.83 19.95
C ASP A 228 -14.48 -6.79 18.92
N TYR A 229 -13.67 -6.69 17.87
CA TYR A 229 -13.90 -5.72 16.80
C TYR A 229 -13.75 -4.27 17.20
N SER A 230 -13.15 -4.01 18.36
CA SER A 230 -12.90 -2.63 18.80
C SER A 230 -11.69 -2.04 18.04
N ILE A 231 -11.80 -0.77 17.67
CA ILE A 231 -10.81 -0.02 16.92
C ILE A 231 -10.19 1.07 17.79
N ASP A 232 -8.99 1.50 17.41
CA ASP A 232 -8.31 2.58 18.09
C ASP A 232 -7.41 3.17 17.02
N SER A 233 -7.12 4.47 17.12
CA SER A 233 -6.28 5.13 16.13
C SER A 233 -5.51 6.29 16.75
N SER A 234 -4.34 6.59 16.17
CA SER A 234 -3.43 7.64 16.59
C SER A 234 -2.58 7.98 15.39
N TYR A 235 -1.43 8.62 15.60
CA TYR A 235 -0.49 9.00 14.53
C TYR A 235 0.85 8.44 14.96
N VAL A 236 1.77 8.14 14.03
CA VAL A 236 3.02 7.56 14.50
C VAL A 236 3.81 8.61 15.29
N CYS A 237 4.41 8.22 16.41
CA CYS A 237 5.17 9.15 17.25
C CYS A 237 6.34 9.86 16.60
N SER A 238 7.07 9.12 15.78
CA SER A 238 8.24 9.66 15.10
C SER A 238 8.18 11.09 14.60
N GLY A 239 9.18 11.88 15.00
CA GLY A 239 9.25 13.25 14.55
C GLY A 239 9.80 13.31 13.14
N LEU A 240 10.26 12.16 12.62
CA LEU A 240 10.79 12.08 11.26
C LEU A 240 9.67 12.16 10.23
N VAL A 241 8.55 11.47 10.43
CA VAL A 241 7.41 11.66 9.51
C VAL A 241 7.48 11.11 8.09
N GLY A 242 6.50 10.28 7.73
CA GLY A 242 6.53 9.64 6.43
C GLY A 242 5.61 9.98 5.28
N ASP A 243 4.86 11.07 5.35
CA ASP A 243 3.96 11.40 4.26
C ASP A 243 4.69 12.34 3.32
N THR A 244 4.12 12.54 2.13
CA THR A 244 4.68 13.47 1.14
C THR A 244 3.45 14.16 0.56
N PRO A 245 3.39 15.50 0.59
CA PRO A 245 4.40 16.45 1.11
C PRO A 245 4.55 16.47 2.63
N ARG A 246 5.70 16.94 3.09
CA ARG A 246 6.02 17.03 4.51
C ARG A 246 6.93 18.23 4.72
N ASN A 247 7.20 18.52 5.99
CA ASN A 247 8.00 19.67 6.32
C ASN A 247 9.48 19.68 6.04
N ASP A 248 10.25 19.04 6.91
CA ASP A 248 11.70 19.10 6.77
C ASP A 248 12.09 18.44 8.06
N ASP A 249 13.06 17.57 8.03
CA ASP A 249 13.43 16.86 9.24
C ASP A 249 13.71 17.81 10.37
N ARG A 250 14.08 19.04 10.01
CA ARG A 250 14.38 20.10 10.96
C ARG A 250 13.11 20.68 11.58
N SER A 251 12.12 21.01 10.76
CA SER A 251 10.88 21.58 11.25
C SER A 251 9.64 20.68 11.20
N SER A 252 9.82 19.37 11.40
CA SER A 252 8.69 18.47 11.35
C SER A 252 8.42 17.93 12.72
N ASN A 253 7.16 17.73 13.04
CA ASN A 253 6.83 17.23 14.37
C ASN A 253 5.67 16.25 14.33
N SER A 254 5.49 15.57 15.45
CA SER A 254 4.41 14.62 15.63
C SER A 254 4.31 14.42 17.13
N ASN A 255 3.08 14.47 17.65
CA ASN A 255 2.89 14.28 19.08
C ASN A 255 2.26 12.94 19.42
N CYS A 256 2.09 12.10 18.39
CA CYS A 256 1.51 10.77 18.52
C CYS A 256 0.01 10.79 18.59
N ARG A 257 -0.59 11.96 18.75
CA ARG A 257 -2.03 12.05 18.91
C ARG A 257 -2.84 12.74 17.86
N ASP A 258 -2.31 13.81 17.29
CA ASP A 258 -3.09 14.57 16.32
C ASP A 258 -2.36 14.88 15.03
N PRO A 259 -3.10 15.22 13.96
CA PRO A 259 -2.45 15.54 12.69
C PRO A 259 -1.55 16.73 13.00
N ASN A 260 -0.34 16.73 12.48
CA ASN A 260 0.60 17.81 12.79
C ASN A 260 0.33 19.15 12.12
N ASN A 261 -0.56 19.16 11.14
CA ASN A 261 -0.87 20.39 10.43
C ASN A 261 0.31 20.99 9.69
N GLU A 262 1.33 20.18 9.41
CA GLU A 262 2.49 20.65 8.66
C GLU A 262 2.38 20.09 7.26
N ARG A 263 1.90 20.93 6.33
CA ARG A 263 1.72 20.54 4.94
C ARG A 263 0.84 19.29 4.87
N GLY A 264 -0.23 19.30 5.66
CA GLY A 264 -1.13 18.16 5.74
C GLY A 264 -1.87 17.67 4.52
N THR A 265 -2.27 18.58 3.64
CA THR A 265 -3.03 18.23 2.45
C THR A 265 -2.29 17.31 1.49
N GLN A 266 -3.04 16.32 1.01
CA GLN A 266 -2.51 15.31 0.12
C GLN A 266 -1.60 14.36 0.86
N GLY A 267 -0.96 13.49 0.10
CA GLY A 267 -0.10 12.52 0.70
C GLY A 267 0.17 11.42 -0.26
N VAL A 268 0.60 10.28 0.26
CA VAL A 268 0.91 9.15 -0.59
C VAL A 268 0.79 7.92 0.27
N LYS A 269 0.37 6.80 -0.32
CA LYS A 269 0.27 5.57 0.43
C LYS A 269 1.67 5.20 0.86
N GLY A 270 1.82 4.78 2.13
CA GLY A 270 3.11 4.40 2.66
C GLY A 270 2.94 3.40 3.78
N TRP A 271 4.03 3.11 4.50
CA TRP A 271 3.98 2.12 5.57
C TRP A 271 5.00 2.40 6.68
N ALA A 272 4.95 1.55 7.70
CA ALA A 272 5.87 1.58 8.83
C ALA A 272 5.50 0.39 9.72
N PHE A 273 6.38 0.01 10.62
CA PHE A 273 6.08 -1.07 11.54
C PHE A 273 6.89 -0.92 12.80
N ASP A 274 6.27 -1.24 13.91
CA ASP A 274 6.91 -1.12 15.20
C ASP A 274 7.82 -2.29 15.53
N ASN A 275 8.82 -2.00 16.35
CA ASN A 275 9.74 -3.02 16.82
C ASN A 275 10.07 -2.54 18.23
N GLY A 276 9.32 -3.01 19.22
CA GLY A 276 9.54 -2.57 20.58
C GLY A 276 9.19 -1.09 20.65
N ASN A 277 10.16 -0.24 20.97
CA ASN A 277 9.86 1.18 21.04
C ASN A 277 10.31 1.87 19.79
N ASP A 278 10.98 1.12 18.92
CA ASP A 278 11.48 1.71 17.69
C ASP A 278 10.51 1.52 16.55
N LEU A 279 10.87 2.10 15.43
CA LEU A 279 10.04 2.06 14.25
C LEU A 279 10.88 1.95 12.99
N TRP A 280 10.49 1.03 12.12
CA TRP A 280 11.13 0.86 10.81
C TRP A 280 10.16 1.54 9.87
N MET A 281 10.65 2.44 9.04
CA MET A 281 9.77 3.15 8.13
C MET A 281 10.43 3.41 6.79
N GLY A 282 9.63 3.82 5.81
CA GLY A 282 10.14 4.14 4.51
C GLY A 282 9.41 5.37 4.01
N ARG A 283 10.01 6.12 3.08
CA ARG A 283 9.37 7.32 2.54
C ARG A 283 10.17 7.81 1.33
N THR A 284 9.58 8.70 0.54
CA THR A 284 10.29 9.30 -0.58
C THR A 284 11.46 10.12 -0.02
N ILE A 285 12.52 10.34 -0.79
CA ILE A 285 13.61 11.11 -0.26
C ILE A 285 13.24 12.61 -0.31
N SER A 286 12.50 12.97 -1.36
CA SER A 286 12.01 14.33 -1.56
C SER A 286 10.80 14.63 -0.68
N LYS A 287 10.76 15.82 -0.09
CA LYS A 287 9.66 16.21 0.79
C LYS A 287 8.50 16.84 0.04
N ASP A 288 8.73 17.16 -1.24
CA ASP A 288 7.73 17.79 -2.05
C ASP A 288 7.09 16.87 -3.08
N LEU A 289 7.93 16.08 -3.73
CA LEU A 289 7.49 15.17 -4.80
C LEU A 289 7.70 13.71 -4.47
N ARG A 290 7.11 12.86 -5.30
CA ARG A 290 7.23 11.41 -5.13
C ARG A 290 8.54 11.01 -5.84
N SER A 291 9.69 11.37 -5.26
CA SER A 291 10.99 11.05 -5.85
C SER A 291 11.95 10.42 -4.85
N GLY A 292 12.69 9.41 -5.29
CA GLY A 292 13.60 8.71 -4.41
C GLY A 292 12.84 7.91 -3.36
N TYR A 293 13.53 7.03 -2.66
CA TYR A 293 12.88 6.25 -1.62
C TYR A 293 13.98 5.78 -0.68
N GLU A 294 13.72 5.85 0.63
CA GLU A 294 14.69 5.46 1.64
C GLU A 294 13.95 4.79 2.78
N THR A 295 14.67 3.98 3.55
CA THR A 295 14.13 3.31 4.72
C THR A 295 15.17 3.52 5.84
N PHE A 296 14.73 3.50 7.09
CA PHE A 296 15.63 3.63 8.25
C PHE A 296 14.87 3.26 9.49
N LYS A 297 15.61 3.13 10.60
CA LYS A 297 14.99 2.83 11.89
C LYS A 297 15.07 4.11 12.69
N VAL A 298 14.03 4.40 13.46
CA VAL A 298 14.02 5.61 14.29
C VAL A 298 14.01 5.09 15.70
N ILE A 299 15.09 5.37 16.42
CA ILE A 299 15.18 4.92 17.78
C ILE A 299 14.09 5.60 18.58
N GLY A 300 13.14 4.80 19.06
CA GLY A 300 12.03 5.35 19.83
C GLY A 300 10.91 5.92 18.97
N GLY A 301 10.98 5.72 17.67
CA GLY A 301 9.97 6.25 16.78
C GLY A 301 8.57 5.75 17.05
N TRP A 302 8.45 4.65 17.79
CA TRP A 302 7.13 4.13 18.10
C TRP A 302 6.56 4.73 19.38
N SER A 303 7.35 4.64 20.46
CA SER A 303 6.97 5.10 21.78
C SER A 303 7.19 6.55 22.19
N THR A 304 8.18 7.23 21.64
CA THR A 304 8.39 8.60 22.08
C THR A 304 8.10 9.67 21.08
N PRO A 305 7.26 10.64 21.50
CA PRO A 305 6.82 11.79 20.71
C PRO A 305 7.97 12.52 20.12
N ASN A 306 7.85 12.82 18.83
CA ASN A 306 8.85 13.56 18.13
C ASN A 306 10.29 13.04 18.12
N SER A 307 10.51 11.76 18.41
CA SER A 307 11.86 11.22 18.36
C SER A 307 12.41 11.34 16.94
N LYS A 308 13.68 11.74 16.82
CA LYS A 308 14.31 11.89 15.50
C LYS A 308 15.66 11.19 15.37
N SER A 309 16.00 10.32 16.31
CA SER A 309 17.27 9.63 16.19
C SER A 309 17.15 8.47 15.21
N GLN A 310 17.70 8.70 14.02
CA GLN A 310 17.71 7.77 12.91
C GLN A 310 18.95 6.84 12.87
N ILE A 311 18.79 5.63 12.38
CA ILE A 311 19.90 4.67 12.20
C ILE A 311 19.54 3.55 11.21
N ASN A 312 20.53 2.93 10.60
CA ASN A 312 20.33 1.86 9.63
C ASN A 312 19.59 2.30 8.36
N ARG A 313 19.94 3.46 7.84
CA ARG A 313 19.32 3.97 6.64
C ARG A 313 19.78 3.23 5.38
N GLN A 314 18.88 3.13 4.40
CA GLN A 314 19.15 2.51 3.12
C GLN A 314 18.43 3.29 2.07
N VAL A 315 19.10 3.51 0.95
CA VAL A 315 18.52 4.20 -0.20
C VAL A 315 18.02 3.06 -1.09
N ILE A 316 16.75 3.09 -1.47
CA ILE A 316 16.19 2.04 -2.32
C ILE A 316 16.17 2.62 -3.74
N VAL A 317 15.72 3.86 -3.87
CA VAL A 317 15.69 4.57 -5.16
C VAL A 317 16.37 5.93 -4.90
N ASP A 318 17.43 6.24 -5.65
CA ASP A 318 18.13 7.51 -5.47
C ASP A 318 17.21 8.68 -5.74
N SER A 319 17.50 9.82 -5.13
CA SER A 319 16.65 10.99 -5.26
C SER A 319 16.48 11.59 -6.63
N ASP A 320 17.24 11.15 -7.62
CA ASP A 320 17.04 11.70 -8.95
C ASP A 320 16.05 10.87 -9.76
N ASN A 321 15.48 9.86 -9.13
CA ASN A 321 14.53 8.99 -9.81
C ASN A 321 13.15 9.02 -9.18
N ARG A 322 12.15 8.69 -9.97
CA ARG A 322 10.78 8.69 -9.53
C ARG A 322 10.41 7.46 -8.71
N SER A 323 9.55 7.66 -7.72
CA SER A 323 9.05 6.55 -6.91
C SER A 323 7.50 6.66 -6.95
N GLY A 324 6.80 6.42 -5.84
CA GLY A 324 5.35 6.54 -5.83
C GLY A 324 4.85 5.90 -4.56
N TYR A 325 3.76 5.16 -4.67
CA TYR A 325 3.19 4.42 -3.54
C TYR A 325 4.15 3.36 -3.02
N SER A 326 3.91 2.90 -1.80
CA SER A 326 4.69 1.83 -1.20
C SER A 326 3.75 1.27 -0.16
N GLY A 327 3.91 0.00 0.16
CA GLY A 327 3.05 -0.62 1.13
C GLY A 327 3.83 -1.77 1.70
N ILE A 328 3.22 -2.51 2.63
CA ILE A 328 3.86 -3.61 3.30
C ILE A 328 3.16 -4.95 3.03
N PHE A 329 3.89 -6.04 3.23
CA PHE A 329 3.34 -7.39 3.14
C PHE A 329 4.16 -8.27 4.06
N SER A 330 3.47 -9.20 4.73
CA SER A 330 4.12 -10.08 5.68
C SER A 330 4.24 -11.48 5.15
N VAL A 331 5.33 -12.18 5.49
CA VAL A 331 5.53 -13.55 5.04
C VAL A 331 5.93 -14.44 6.21
N GLU A 332 5.27 -15.58 6.31
CA GLU A 332 5.52 -16.52 7.40
C GLU A 332 6.78 -17.34 7.23
N GLY A 333 7.71 -17.17 8.15
CA GLY A 333 8.94 -17.92 8.12
C GLY A 333 8.85 -19.09 9.08
N LYS A 334 9.90 -19.90 9.13
CA LYS A 334 9.95 -21.07 10.01
C LYS A 334 9.74 -20.74 11.47
N SER A 335 10.34 -19.66 11.95
CA SER A 335 10.21 -19.32 13.36
C SER A 335 9.67 -17.94 13.68
N CYS A 336 9.52 -17.12 12.66
CA CYS A 336 9.01 -15.78 12.91
C CYS A 336 8.33 -15.26 11.68
N ILE A 337 7.59 -14.18 11.82
CA ILE A 337 6.96 -13.63 10.65
C ILE A 337 7.71 -12.36 10.21
N ASN A 338 8.14 -12.36 8.96
CA ASN A 338 8.92 -11.30 8.35
C ASN A 338 8.08 -10.23 7.68
N ARG A 339 8.67 -9.05 7.48
CA ARG A 339 7.97 -7.92 6.89
C ARG A 339 8.76 -7.48 5.67
N CYS A 340 8.04 -7.21 4.59
CA CYS A 340 8.64 -6.80 3.35
C CYS A 340 7.87 -5.63 2.81
N PHE A 341 8.33 -5.03 1.72
CA PHE A 341 7.62 -3.90 1.13
C PHE A 341 7.93 -3.80 -0.36
N TYR A 342 7.04 -3.16 -1.09
CA TYR A 342 7.23 -2.95 -2.51
C TYR A 342 7.16 -1.44 -2.69
N VAL A 343 7.70 -0.94 -3.79
CA VAL A 343 7.59 0.47 -4.11
C VAL A 343 7.24 0.65 -5.58
N GLU A 344 6.16 1.40 -5.81
CA GLU A 344 5.67 1.71 -7.15
C GLU A 344 6.53 2.78 -7.80
N LEU A 345 7.03 2.51 -8.99
CA LEU A 345 7.85 3.48 -9.69
C LEU A 345 7.03 4.00 -10.83
N ILE A 346 6.40 5.15 -10.62
CA ILE A 346 5.54 5.77 -11.61
C ILE A 346 6.37 6.48 -12.67
N ARG A 347 5.94 6.37 -13.93
CA ARG A 347 6.59 7.02 -15.06
C ARG A 347 5.50 7.60 -15.94
N GLY A 348 5.87 8.61 -16.71
CA GLY A 348 4.91 9.20 -17.61
C GLY A 348 4.21 10.44 -17.13
N ARG A 349 3.10 10.69 -17.80
CA ARG A 349 2.30 11.86 -17.55
C ARG A 349 2.08 12.23 -16.12
N LYS A 350 2.15 13.53 -15.95
CA LYS A 350 2.07 14.28 -14.73
C LYS A 350 3.50 14.82 -14.89
N GLN A 351 4.48 14.28 -14.14
CA GLN A 351 5.85 14.74 -14.23
C GLN A 351 6.43 14.70 -15.64
N GLU A 352 6.39 13.55 -16.30
CA GLU A 352 6.98 13.42 -17.64
C GLU A 352 6.00 13.62 -18.78
N THR A 353 6.18 14.74 -19.49
CA THR A 353 5.33 15.16 -20.59
C THR A 353 5.67 14.69 -22.02
N ARG A 354 6.79 14.00 -22.24
CA ARG A 354 7.07 13.56 -23.60
C ARG A 354 6.00 12.60 -24.09
N VAL A 355 5.53 11.74 -23.19
CA VAL A 355 4.52 10.73 -23.52
C VAL A 355 3.16 11.15 -22.98
N TRP A 356 2.12 10.43 -23.39
CA TRP A 356 0.75 10.76 -23.00
C TRP A 356 0.12 9.83 -22.00
N TRP A 357 0.79 8.74 -21.68
CA TRP A 357 0.28 7.75 -20.72
C TRP A 357 0.90 7.89 -19.32
N THR A 358 0.34 7.15 -18.37
CA THR A 358 0.88 7.13 -17.01
C THR A 358 0.87 5.65 -16.63
N SER A 359 1.98 5.14 -16.12
CA SER A 359 2.05 3.73 -15.75
C SER A 359 3.14 3.58 -14.74
N ASN A 360 3.43 2.36 -14.31
CA ASN A 360 4.46 2.14 -13.30
C ASN A 360 5.12 0.75 -13.38
N SER A 361 6.21 0.57 -12.62
CA SER A 361 6.92 -0.72 -12.49
C SER A 361 7.13 -0.89 -10.97
N ILE A 362 7.74 -1.96 -10.52
CA ILE A 362 7.91 -2.10 -9.09
C ILE A 362 9.27 -2.71 -8.75
N VAL A 363 9.64 -2.59 -7.48
CA VAL A 363 10.88 -3.16 -6.98
C VAL A 363 10.43 -3.56 -5.57
N VAL A 364 10.87 -4.71 -5.07
CA VAL A 364 10.44 -5.15 -3.76
C VAL A 364 11.60 -5.67 -2.88
N PHE A 365 11.54 -5.38 -1.58
CA PHE A 365 12.58 -5.78 -0.65
C PHE A 365 11.99 -6.48 0.54
N CYS A 366 12.79 -7.33 1.15
CA CYS A 366 12.32 -8.04 2.33
C CYS A 366 13.30 -7.86 3.44
N GLY A 367 12.80 -7.67 4.65
CA GLY A 367 13.70 -7.53 5.78
C GLY A 367 14.66 -8.69 5.88
N THR A 368 15.77 -8.46 6.56
CA THR A 368 16.77 -9.51 6.73
C THR A 368 17.38 -9.32 8.10
N SER A 369 17.84 -10.40 8.71
CA SER A 369 18.52 -10.33 10.00
C SER A 369 20.02 -10.50 9.68
N GLY A 370 20.36 -10.57 8.40
CA GLY A 370 21.72 -10.73 7.96
C GLY A 370 22.39 -9.41 7.62
N THR A 371 23.32 -9.48 6.69
CA THR A 371 24.10 -8.33 6.28
C THR A 371 23.72 -7.90 4.86
N TYR A 372 24.12 -6.69 4.47
CA TYR A 372 23.78 -6.19 3.16
C TYR A 372 24.67 -5.04 2.77
N GLY A 373 24.58 -4.63 1.51
CA GLY A 373 25.40 -3.55 1.02
C GLY A 373 24.65 -2.29 0.68
N THR A 374 24.91 -1.78 -0.52
CA THR A 374 24.36 -0.53 -0.96
C THR A 374 23.93 -0.60 -2.43
N GLY A 375 23.09 0.34 -2.86
CA GLY A 375 22.65 0.37 -4.25
C GLY A 375 21.52 1.37 -4.47
N SER A 376 20.90 1.28 -5.64
CA SER A 376 19.78 2.11 -6.05
C SER A 376 19.12 1.32 -7.17
N TRP A 377 17.81 1.12 -7.10
CA TRP A 377 17.08 0.33 -8.10
C TRP A 377 15.84 1.04 -8.60
N PRO A 378 16.02 1.98 -9.55
CA PRO A 378 14.91 2.72 -10.12
C PRO A 378 14.27 1.97 -11.29
N ASP A 379 13.22 2.54 -11.85
CA ASP A 379 12.49 1.96 -12.98
C ASP A 379 13.45 1.50 -14.10
N GLY A 380 14.26 2.44 -14.58
CA GLY A 380 15.23 2.14 -15.61
C GLY A 380 14.94 2.50 -17.05
N ALA A 381 13.69 2.87 -17.36
CA ALA A 381 13.34 3.22 -18.73
C ALA A 381 13.79 4.61 -19.16
N ASN A 382 14.15 4.73 -20.42
CA ASN A 382 14.57 5.99 -20.98
C ASN A 382 13.33 6.51 -21.63
N ILE A 383 12.80 7.60 -21.09
CA ILE A 383 11.58 8.19 -21.61
C ILE A 383 11.68 8.55 -23.09
N ASN A 384 12.90 8.72 -23.58
CA ASN A 384 13.08 9.05 -24.98
C ASN A 384 12.91 7.86 -25.93
N PHE A 385 12.98 6.65 -25.39
CA PHE A 385 12.83 5.45 -26.19
C PHE A 385 11.37 4.99 -26.20
N MET A 386 10.59 5.50 -25.25
CA MET A 386 9.21 5.11 -25.06
C MET A 386 8.22 5.53 -26.13
N PRO A 387 7.20 4.69 -26.39
CA PRO A 387 6.16 4.98 -27.38
C PRO A 387 5.36 6.16 -26.86
N ILE A 388 4.73 6.85 -27.80
CA ILE A 388 3.88 8.03 -27.60
C ILE A 388 4.71 9.31 -27.54
C1 NAG B . -27.49 4.13 -6.05
C2 NAG B . -28.56 4.96 -6.73
C3 NAG B . -29.94 4.41 -6.41
C4 NAG B . -30.00 2.91 -6.77
C5 NAG B . -28.90 2.17 -6.07
C6 NAG B . -28.83 0.68 -6.40
C7 NAG B . -28.03 7.34 -7.11
C8 NAG B . -28.05 8.78 -6.65
N2 NAG B . -28.54 6.38 -6.34
O3 NAG B . -30.88 5.14 -7.14
O4 NAG B . -31.26 2.35 -6.36
O5 NAG B . -27.68 2.77 -6.42
O6 NAG B . -28.67 0.44 -7.77
O7 NAG B . -27.49 7.13 -8.18
H1 NAG B . -27.51 4.20 -4.95
H2 NAG B . -28.43 4.85 -7.82
H3 NAG B . -30.15 4.52 -5.33
H4 NAG B . -29.86 2.81 -7.86
H5 NAG B . -29.01 2.26 -4.97
H61 NAG B . -29.76 0.20 -6.05
H62 NAG B . -28.02 0.22 -5.84
H81 NAG B . -29.08 9.08 -6.48
H82 NAG B . -27.61 9.43 -7.41
H83 NAG B . -27.47 8.88 -5.73
HN2 NAG B . -28.91 6.63 -5.48
HO3 NAG B . -31.67 4.58 -7.17
HO6 NAG B . -27.73 0.52 -7.98
C1 NAG B . -32.11 1.77 -7.32
C2 NAG B . -33.11 0.88 -6.60
C3 NAG B . -34.11 0.26 -7.55
C4 NAG B . -34.72 1.35 -8.38
C5 NAG B . -33.69 2.34 -8.99
C6 NAG B . -34.26 3.56 -9.65
C7 NAG B . -32.68 -0.42 -4.57
C8 NAG B . -32.04 -1.65 -3.99
N2 NAG B . -32.55 -0.26 -5.88
O3 NAG B . -35.12 -0.51 -6.89
O4 NAG B . -35.39 0.71 -9.45
O5 NAG B . -32.78 2.80 -8.00
O6 NAG B . -35.09 4.27 -8.76
O7 NAG B . -33.26 0.38 -3.85
H1 NAG B . -31.46 1.19 -8.02
H2 NAG B . -33.68 1.55 -5.92
H3 NAG B . -33.53 -0.39 -8.24
H4 NAG B . -35.42 1.93 -7.73
H5 NAG B . -33.09 1.79 -9.75
H61 NAG B . -34.78 3.31 -10.59
H62 NAG B . -33.44 4.23 -9.98
H81 NAG B . -30.94 -1.50 -3.96
H82 NAG B . -32.25 -2.54 -4.60
H83 NAG B . -32.39 -1.83 -2.97
HN2 NAG B . -32.06 -0.92 -6.40
HO3 NAG B . -35.64 0.10 -6.34
HO6 NAG B . -34.52 4.82 -8.21
C1 BMA B . -36.67 1.22 -9.74
C2 BMA B . -37.03 0.84 -11.14
C3 BMA B . -38.32 1.62 -11.48
C4 BMA B . -39.37 1.19 -10.47
C5 BMA B . -38.87 1.47 -8.97
C6 BMA B . -39.82 1.09 -7.85
O2 BMA B . -37.17 -0.55 -11.26
O3 BMA B . -38.77 1.40 -12.81
O4 BMA B . -40.59 1.86 -10.72
O5 BMA B . -37.63 0.78 -8.80
O6 BMA B . -39.50 1.62 -6.55
H1 BMA B . -36.58 2.33 -9.66
H2 BMA B . -36.25 1.20 -11.83
H3 BMA B . -38.12 2.69 -11.30
H4 BMA B . -39.54 0.11 -10.57
H5 BMA B . -38.70 2.56 -8.88
H61 BMA B . -39.94 0.01 -7.78
H62 BMA B . -40.82 1.43 -8.17
HO2 BMA B . -37.39 -0.74 -12.17
HO4 BMA B . -41.28 1.20 -10.68
C1 MAN B . -39.26 2.57 -13.43
C2 MAN B . -39.78 2.22 -14.81
C3 MAN B . -38.60 1.97 -15.82
C4 MAN B . -37.58 3.12 -15.80
C5 MAN B . -37.11 3.29 -14.35
C6 MAN B . -36.07 4.40 -14.15
O2 MAN B . -40.61 3.23 -15.34
O3 MAN B . -39.11 1.86 -17.13
O4 MAN B . -36.52 2.82 -16.68
O5 MAN B . -38.25 3.59 -13.52
O6 MAN B . -35.95 4.64 -12.77
H1 MAN B . -40.07 2.96 -12.79
H2 MAN B . -40.37 1.29 -14.75
H3 MAN B . -38.08 1.04 -15.52
H4 MAN B . -38.10 4.03 -16.13
H5 MAN B . -36.67 2.35 -13.99
H61 MAN B . -36.36 5.31 -14.69
H62 MAN B . -35.11 4.06 -14.57
HO2 MAN B . -40.36 4.06 -14.91
HO3 MAN B . -39.92 2.39 -17.14
HO4 MAN B . -36.92 2.39 -17.45
HO6 MAN B . -36.82 4.87 -12.44
C1 MAN B . -40.26 2.76 -6.09
C2 MAN B . -39.89 3.05 -4.64
C3 MAN B . -40.41 1.95 -3.72
C4 MAN B . -41.88 1.73 -3.95
C5 MAN B . -42.20 1.47 -5.43
C6 MAN B . -43.72 1.37 -5.75
O2 MAN B . -40.41 4.27 -4.16
O3 MAN B . -40.24 2.30 -2.37
O4 MAN B . -42.29 0.64 -3.15
O5 MAN B . -41.68 2.54 -6.22
O6 MAN B . -44.28 0.23 -5.12
H1 MAN B . -40.02 3.60 -6.76
H2 MAN B . -38.79 3.07 -4.55
H3 MAN B . -39.88 1.01 -3.95
H4 MAN B . -42.45 2.63 -3.64
H5 MAN B . -41.71 0.53 -5.77
H61 MAN B . -43.87 1.32 -6.83
H62 MAN B . -44.22 2.29 -5.38
HO2 MAN B . -40.37 4.18 -3.20
HO3 MAN B . -40.85 1.73 -1.88
HO4 MAN B . -43.15 0.34 -3.49
HO6 MAN B . -44.61 -0.38 -5.78
C1 NAG C . -1.64 -21.24 15.06
C2 NAG C . -1.90 -21.82 16.42
C3 NAG C . -0.91 -22.90 16.67
C4 NAG C . -0.94 -23.98 15.57
C5 NAG C . -0.64 -23.27 14.25
C6 NAG C . -0.62 -24.19 13.04
C7 NAG C . -2.76 -20.00 17.87
C8 NAG C . -2.47 -19.08 19.03
N2 NAG C . -1.81 -20.86 17.52
O3 NAG C . -1.17 -23.52 17.91
O4 NAG C . 0.00 -25.01 15.90
O5 NAG C . -1.63 -22.27 14.05
O6 NAG C . -1.93 -24.56 12.78
O7 NAG C . -3.84 -19.91 17.28
H1 NAG C . -0.65 -20.74 15.03
H2 NAG C . -2.92 -22.26 16.42
H3 NAG C . 0.11 -22.47 16.70
H4 NAG C . -1.95 -24.43 15.52
H5 NAG C . 0.36 -22.80 14.30
H61 NAG C . 0.01 -25.06 13.22
H62 NAG C . -0.21 -23.65 12.17
H81 NAG C . -3.39 -18.93 19.62
H82 NAG C . -2.13 -18.12 18.66
H83 NAG C . -1.71 -19.50 19.71
HN2 NAG C . -0.97 -20.88 18.03
HO3 NAG C . -0.68 -24.36 17.88
HO4 NAG C . -0.22 -25.81 15.41
HO6 NAG C . -2.48 -23.77 12.86
C1 NAG D . -3.74 12.30 -26.82
C2 NAG D . -3.12 12.41 -28.18
C3 NAG D . -2.87 13.86 -28.54
C4 NAG D . -4.18 14.61 -28.57
C5 NAG D . -4.86 14.45 -27.17
C6 NAG D . -6.30 14.98 -27.17
C7 NAG D . -1.45 11.04 -29.25
C8 NAG D . -0.08 10.39 -29.16
N2 NAG D . -1.85 11.75 -28.21
O3 NAG D . -2.23 13.99 -29.80
O4 NAG D . -3.90 15.95 -28.89
O5 NAG D . -4.94 13.06 -26.80
O6 NAG D . -7.06 14.35 -26.15
O7 NAG D . -2.12 10.91 -30.25
H1 NAG D . -3.12 12.71 -26.00
H2 NAG D . -3.84 11.98 -28.90
H3 NAG D . -2.23 14.33 -27.79
H4 NAG D . -4.83 14.18 -29.36
H5 NAG D . -4.27 14.98 -26.40
H61 NAG D . -6.79 14.78 -28.15
H62 NAG D . -6.29 16.07 -27.02
H81 NAG D . 0.12 9.78 -30.07
H82 NAG D . -0.02 9.73 -28.29
H83 NAG D . 0.71 11.15 -29.10
HN2 NAG D . -1.26 11.83 -27.43
HO3 NAG D . -2.37 13.21 -30.34
HO4 NAG D . -3.16 15.92 -29.52
HO6 NAG D . -6.64 13.53 -25.91
C1 NAG E . -7.13 -18.12 17.13
C2 NAG E . -7.43 -17.28 18.38
C3 NAG E . -6.73 -17.95 19.56
C4 NAG E . -7.37 -19.39 19.72
C5 NAG E . -7.08 -20.17 18.41
C6 NAG E . -7.81 -21.52 18.40
C7 NAG E . -7.66 -14.90 17.76
C8 NAG E . -6.96 -13.56 17.61
N2 NAG E . -6.93 -15.92 18.19
O3 NAG E . -6.85 -17.14 20.72
O4 NAG E . -6.87 -20.09 20.88
O5 NAG E . -7.59 -19.44 17.29
O6 NAG E . -9.21 -21.24 18.33
O7 NAG E . -8.86 -15.02 17.47
H1 NAG E . -6.05 -18.16 16.89
H2 NAG E . -8.52 -17.29 18.56
H3 NAG E . -5.68 -18.15 19.32
H4 NAG E . -8.46 -19.30 19.85
H5 NAG E . -6.00 -20.35 18.31
H61 NAG E . -7.55 -22.10 19.30
H62 NAG E . -7.50 -22.10 17.52
H81 NAG E . -7.47 -12.94 16.86
H82 NAG E . -5.92 -13.68 17.28
H83 NAG E . -7.01 -13.02 18.56
HN2 NAG E . -6.00 -15.75 18.45
HO3 NAG E . -7.76 -16.87 20.84
HO4 NAG E . -6.63 -19.42 21.53
HO6 NAG E . -9.32 -20.61 17.61
CA CA F . -0.98 14.34 4.17
P1 EQP G . -3.02 9.96 -6.17
C2 EQP G . -4.24 8.64 -5.89
C3 EQP G . -4.79 7.92 -7.14
C4 EQP G . -5.88 6.97 -6.62
C5 EQP G . -6.97 7.73 -5.85
C6 EQP G . -6.33 8.55 -4.72
C7 EQP G . -7.35 9.44 -4.09
C8 EQP G . -6.80 10.17 -2.92
C9 EQP G . -7.77 11.17 -2.30
C10 EQP G . -9.15 6.72 -5.86
C11 EQP G . -10.12 5.69 -5.30
N5 EQP G . -7.94 6.75 -5.32
O1P EQP G . -3.78 10.97 -6.91
O2P EQP G . -1.94 9.78 -7.13
O3P EQP G . -2.52 10.36 -4.82
O4 EQP G . -6.53 6.25 -7.64
O6 EQP G . -5.36 9.35 -5.30
O7 EQP G . -7.67 10.39 -5.09
O8 EQP G . -6.51 9.26 -1.92
O9 EQP G . -8.80 10.52 -1.52
O10 EQP G . -9.50 7.48 -6.79
H2 EQP G . -3.88 7.98 -5.14
H32 EQP G . -3.96 7.44 -7.69
H31 EQP G . -5.20 8.69 -7.79
H4 EQP G . -5.39 6.24 -5.95
H5 EQP G . -7.42 8.45 -6.55
H6 EQP G . -5.88 7.86 -3.97
H7 EQP G . -8.23 8.86 -3.81
H8 EQP G . -5.88 10.71 -3.23
H92 EQP G . -8.20 11.82 -3.07
H91 EQP G . -7.17 11.82 -1.64
H111 EQP G . -9.66 5.09 -4.49
H113 EQP G . -10.48 5.03 -6.10
H112 EQP G . -10.99 6.21 -4.87
HN5 EQP G . -7.68 6.19 -4.56
HOP3 EQP G . -1.58 10.55 -4.83
HO4 EQP G . -7.47 6.50 -7.70
HO7 EQP G . -6.90 10.40 -5.69
HO8 EQP G . -5.54 9.12 -1.96
HO9 EQP G . -8.40 9.68 -1.25
#